data_8PZG
#
_entry.id   8PZG
#
_cell.length_a   43.980
_cell.length_b   74.950
_cell.length_c   159.440
_cell.angle_alpha   90.000
_cell.angle_beta   90.000
_cell.angle_gamma   90.000
#
_symmetry.space_group_name_H-M   'P 21 21 21'
#
loop_
_entity.id
_entity.type
_entity.pdbx_description
1 polymer ORF17
2 water water
#
_entity_poly.entity_id   1
_entity_poly.type   'polypeptide(L)'
_entity_poly.pdbx_seq_one_letter_code
;MSHHHHHHSMTQQQAKANGISINYEDRGPADGIPILLVNGYTSTMMSWPLELMDGLKARGFRVIRYDNRDVGRTEKFKGV
PDIGEVVKALREGKTPETPYTLSDMAADGIGLMDALGIERAHVMGISMGGMIVQAMAINHPERLVSVTSIMSTTGNYDLP
KASDEAMAALQQQPASHDREVVIRHRMKARRVYQSPAFPRSDEALYALCATEFDHMYYPEGASRQYAAIVGDGSRVERLK
KVRVPFLVIHGKADPLVPVEGGIDTAKCVPGAKLELIEGMGHDLPVELCPRYVDLIAEHALAAGRKAAAE
;
_entity_poly.pdbx_strand_id   A,B
#
# COMPACT_ATOMS: atom_id res chain seq x y z
N THR A 11 -8.19 -9.80 -3.95
CA THR A 11 -7.88 -8.98 -2.78
C THR A 11 -9.14 -8.39 -2.17
N GLN A 12 -9.84 -7.55 -2.94
CA GLN A 12 -11.12 -6.99 -2.50
C GLN A 12 -12.24 -7.88 -3.01
N GLN A 13 -12.99 -8.48 -2.08
CA GLN A 13 -14.11 -9.34 -2.40
C GLN A 13 -15.37 -8.77 -1.77
N GLN A 14 -16.53 -9.20 -2.26
CA GLN A 14 -17.79 -8.68 -1.77
C GLN A 14 -18.67 -9.84 -1.33
N ALA A 15 -19.12 -9.79 -0.08
CA ALA A 15 -19.88 -10.88 0.53
C ALA A 15 -21.24 -10.38 0.98
N LYS A 16 -22.25 -11.24 0.84
CA LYS A 16 -23.55 -10.97 1.45
C LYS A 16 -23.43 -11.26 2.94
N ALA A 17 -23.68 -10.24 3.76
CA ALA A 17 -23.57 -10.37 5.22
C ALA A 17 -24.64 -9.49 5.85
N ASN A 18 -25.35 -10.04 6.85
CA ASN A 18 -26.42 -9.31 7.52
C ASN A 18 -27.42 -8.73 6.52
N GLY A 19 -27.64 -9.42 5.41
CA GLY A 19 -28.58 -8.99 4.40
C GLY A 19 -28.06 -7.96 3.42
N ILE A 20 -26.83 -7.47 3.58
CA ILE A 20 -26.29 -6.43 2.72
C ILE A 20 -24.99 -6.92 2.09
N SER A 21 -24.51 -6.17 1.10
N SER A 21 -24.48 -6.14 1.14
CA SER A 21 -23.28 -6.48 0.41
CA SER A 21 -23.29 -6.48 0.38
C SER A 21 -22.14 -5.73 1.07
C SER A 21 -22.10 -5.73 0.98
N ILE A 22 -21.17 -6.46 1.60
CA ILE A 22 -20.04 -5.88 2.31
C ILE A 22 -18.76 -6.12 1.51
N ASN A 23 -18.07 -5.03 1.17
CA ASN A 23 -16.77 -5.13 0.54
C ASN A 23 -15.72 -5.33 1.64
N TYR A 24 -14.85 -6.33 1.48
CA TYR A 24 -13.89 -6.66 2.54
C TYR A 24 -12.60 -7.17 1.94
N GLU A 25 -11.59 -7.32 2.80
CA GLU A 25 -10.33 -7.99 2.45
C GLU A 25 -9.92 -8.86 3.62
N ASP A 26 -9.75 -10.15 3.36
CA ASP A 26 -9.18 -11.09 4.31
C ASP A 26 -7.70 -11.18 3.99
N ARG A 27 -6.86 -10.66 4.87
CA ARG A 27 -5.43 -10.57 4.57
C ARG A 27 -4.65 -11.84 4.88
N GLY A 28 -5.28 -12.86 5.47
CA GLY A 28 -4.58 -14.08 5.78
C GLY A 28 -3.61 -13.91 6.94
N PRO A 29 -2.92 -14.99 7.32
CA PRO A 29 -3.03 -16.35 6.78
C PRO A 29 -4.28 -17.05 7.30
N ALA A 30 -4.70 -18.14 6.68
CA ALA A 30 -5.99 -18.74 7.02
C ALA A 30 -6.01 -19.31 8.45
N ASP A 31 -4.87 -19.75 8.96
CA ASP A 31 -4.79 -20.29 10.31
C ASP A 31 -4.39 -19.24 11.33
N GLY A 32 -4.28 -17.98 10.92
CA GLY A 32 -3.95 -16.92 11.85
C GLY A 32 -5.09 -16.63 12.80
N ILE A 33 -4.76 -15.88 13.85
CA ILE A 33 -5.74 -15.46 14.84
C ILE A 33 -6.62 -14.39 14.21
N PRO A 34 -7.93 -14.61 14.07
CA PRO A 34 -8.77 -13.67 13.33
C PRO A 34 -9.01 -12.39 14.12
N ILE A 35 -8.79 -11.25 13.47
CA ILE A 35 -9.10 -9.95 14.06
C ILE A 35 -9.79 -9.09 13.03
N LEU A 36 -10.99 -8.62 13.38
CA LEU A 36 -11.79 -7.78 12.51
C LEU A 36 -11.54 -6.33 12.88
N LEU A 37 -11.23 -5.51 11.88
CA LEU A 37 -10.95 -4.09 12.08
C LEU A 37 -12.16 -3.29 11.61
N VAL A 38 -12.61 -2.35 12.43
CA VAL A 38 -13.81 -1.57 12.14
C VAL A 38 -13.44 -0.09 12.07
N ASN A 39 -13.75 0.54 10.93
CA ASN A 39 -13.37 1.92 10.67
C ASN A 39 -14.31 2.91 11.34
N GLY A 40 -13.83 4.16 11.42
CA GLY A 40 -14.59 5.25 11.99
C GLY A 40 -15.47 5.95 10.97
N TYR A 41 -16.03 7.07 11.41
CA TYR A 41 -17.05 7.81 10.66
C TYR A 41 -16.56 8.24 9.29
N THR A 42 -17.26 7.81 8.24
CA THR A 42 -17.00 8.08 6.83
C THR A 42 -15.73 7.43 6.29
N SER A 43 -14.96 6.74 7.12
N SER A 43 -14.97 6.72 7.11
CA SER A 43 -13.69 6.17 6.69
CA SER A 43 -13.69 6.17 6.71
C SER A 43 -13.91 4.85 5.98
C SER A 43 -13.86 4.81 6.03
N THR A 44 -13.11 4.59 4.95
CA THR A 44 -13.14 3.31 4.25
C THR A 44 -12.08 2.38 4.83
N MET A 45 -12.14 1.12 4.39
CA MET A 45 -11.15 0.15 4.84
C MET A 45 -9.74 0.50 4.35
N MET A 46 -9.62 1.41 3.38
CA MET A 46 -8.31 1.79 2.87
C MET A 46 -7.56 2.75 3.78
N SER A 47 -8.13 3.11 4.93
CA SER A 47 -7.48 4.07 5.81
C SER A 47 -6.53 3.45 6.83
N TRP A 48 -6.50 2.12 6.95
CA TRP A 48 -5.63 1.55 7.98
C TRP A 48 -4.16 1.67 7.58
N PRO A 49 -3.28 2.02 8.52
CA PRO A 49 -1.85 2.09 8.19
C PRO A 49 -1.29 0.71 7.88
N LEU A 50 -0.41 0.65 6.88
CA LEU A 50 0.23 -0.61 6.53
C LEU A 50 1.03 -1.16 7.70
N GLU A 51 1.69 -0.29 8.47
CA GLU A 51 2.50 -0.75 9.59
C GLU A 51 1.66 -1.45 10.65
N LEU A 52 0.40 -1.06 10.81
CA LEU A 52 -0.47 -1.73 11.76
C LEU A 52 -0.87 -3.10 11.24
N MET A 53 -1.30 -3.17 9.99
CA MET A 53 -1.74 -4.45 9.43
C MET A 53 -0.57 -5.43 9.27
N ASP A 54 0.58 -4.94 8.79
CA ASP A 54 1.74 -5.81 8.65
C ASP A 54 2.27 -6.26 10.01
N GLY A 55 2.26 -5.36 10.99
CA GLY A 55 2.73 -5.74 12.31
C GLY A 55 1.86 -6.81 12.94
N LEU A 56 0.54 -6.67 12.79
CA LEU A 56 -0.37 -7.69 13.30
C LEU A 56 -0.16 -9.01 12.58
N LYS A 57 0.01 -8.98 11.26
CA LYS A 57 0.25 -10.21 10.52
C LYS A 57 1.56 -10.87 10.94
N ALA A 58 2.60 -10.07 11.21
CA ALA A 58 3.87 -10.66 11.63
C ALA A 58 3.77 -11.34 13.00
N ARG A 59 2.71 -11.06 13.75
CA ARG A 59 2.48 -11.70 15.05
C ARG A 59 1.41 -12.78 14.98
N GLY A 60 1.08 -13.25 13.77
CA GLY A 60 0.17 -14.37 13.62
C GLY A 60 -1.30 -14.01 13.55
N PHE A 61 -1.63 -12.73 13.38
CA PHE A 61 -3.01 -12.30 13.30
C PHE A 61 -3.48 -12.25 11.85
N ARG A 62 -4.64 -12.84 11.62
CA ARG A 62 -5.33 -12.81 10.33
C ARG A 62 -6.23 -11.59 10.35
N VAL A 63 -5.82 -10.53 9.65
CA VAL A 63 -6.52 -9.25 9.67
C VAL A 63 -7.63 -9.24 8.63
N ILE A 64 -8.84 -8.90 9.07
CA ILE A 64 -9.97 -8.77 8.16
C ILE A 64 -10.47 -7.33 8.26
N ARG A 65 -10.43 -6.61 7.15
CA ARG A 65 -10.91 -5.25 7.09
C ARG A 65 -12.06 -5.15 6.10
N TYR A 66 -12.91 -4.13 6.29
CA TYR A 66 -14.11 -4.02 5.47
C TYR A 66 -14.63 -2.61 5.47
N ASP A 67 -15.37 -2.29 4.41
CA ASP A 67 -16.08 -1.02 4.31
C ASP A 67 -17.39 -1.12 5.10
N ASN A 68 -17.58 -0.21 6.05
CA ASN A 68 -18.87 -0.14 6.74
C ASN A 68 -19.98 0.19 5.75
N ARG A 69 -21.22 -0.02 6.18
CA ARG A 69 -22.32 0.43 5.35
C ARG A 69 -22.21 1.93 5.12
N ASP A 70 -22.61 2.35 3.92
CA ASP A 70 -22.64 3.75 3.50
C ASP A 70 -21.28 4.34 3.17
N VAL A 71 -20.22 3.54 3.05
CA VAL A 71 -18.90 4.03 2.65
C VAL A 71 -18.25 3.04 1.71
N GLY A 72 -17.23 3.52 1.00
CA GLY A 72 -16.42 2.61 0.21
C GLY A 72 -17.26 1.88 -0.80
N ARG A 73 -17.03 0.58 -0.89
CA ARG A 73 -17.68 -0.24 -1.90
C ARG A 73 -18.69 -1.20 -1.28
N THR A 74 -19.12 -0.91 -0.06
CA THR A 74 -20.22 -1.62 0.58
C THR A 74 -21.54 -0.93 0.23
N GLU A 75 -22.62 -1.70 0.36
CA GLU A 75 -23.96 -1.22 0.02
C GLU A 75 -24.28 0.10 0.70
N LYS A 76 -25.03 0.94 0.00
CA LYS A 76 -25.44 2.25 0.50
C LYS A 76 -26.94 2.26 0.78
N PHE A 77 -27.36 3.12 1.69
CA PHE A 77 -28.74 3.17 2.15
C PHE A 77 -29.40 4.48 1.73
N LYS A 78 -30.57 4.76 2.30
CA LYS A 78 -31.36 5.90 1.84
C LYS A 78 -31.95 6.67 3.03
N GLY A 79 -32.16 7.94 2.81
CA GLY A 79 -32.71 8.82 3.82
C GLY A 79 -31.68 9.83 4.29
N VAL A 80 -32.14 11.03 4.60
CA VAL A 80 -31.29 12.06 5.18
C VAL A 80 -31.84 12.36 6.57
N PRO A 81 -31.32 11.72 7.61
CA PRO A 81 -31.87 11.93 8.96
C PRO A 81 -31.49 13.30 9.49
N ASP A 82 -32.42 13.89 10.23
CA ASP A 82 -32.20 15.17 10.88
C ASP A 82 -31.70 14.94 12.31
N ILE A 83 -30.47 15.39 12.58
CA ILE A 83 -29.86 15.15 13.88
C ILE A 83 -30.66 15.82 15.00
N GLY A 84 -31.24 16.98 14.71
CA GLY A 84 -32.02 17.66 15.73
C GLY A 84 -33.25 16.87 16.14
N GLU A 85 -33.85 16.15 15.20
CA GLU A 85 -34.97 15.27 15.55
C GLU A 85 -34.50 14.10 16.40
N VAL A 86 -33.34 13.53 16.07
CA VAL A 86 -32.78 12.43 16.84
C VAL A 86 -32.47 12.88 18.26
N VAL A 87 -31.78 14.02 18.38
CA VAL A 87 -31.41 14.53 19.71
C VAL A 87 -32.67 14.85 20.52
N LYS A 88 -33.71 15.35 19.85
CA LYS A 88 -34.96 15.65 20.55
C LYS A 88 -35.58 14.38 21.11
N ALA A 89 -35.56 13.28 20.35
CA ALA A 89 -36.12 12.04 20.85
C ALA A 89 -35.36 11.54 22.07
N LEU A 90 -34.03 11.64 22.04
CA LEU A 90 -33.20 11.23 23.17
C LEU A 90 -33.49 12.06 24.41
N ARG A 91 -33.64 13.38 24.26
CA ARG A 91 -33.89 14.23 25.41
C ARG A 91 -35.30 14.03 25.95
N GLU A 92 -36.22 13.59 25.11
CA GLU A 92 -37.56 13.17 25.54
C GLU A 92 -37.56 11.77 26.14
N GLY A 93 -36.40 11.13 26.24
CA GLY A 93 -36.30 9.79 26.77
C GLY A 93 -36.81 8.69 25.87
N LYS A 94 -37.06 8.98 24.60
CA LYS A 94 -37.61 8.01 23.66
C LYS A 94 -36.50 7.36 22.84
N THR A 95 -36.87 6.34 22.08
CA THR A 95 -35.94 5.66 21.19
C THR A 95 -36.00 6.32 19.82
N PRO A 96 -34.92 6.92 19.32
CA PRO A 96 -35.00 7.67 18.06
C PRO A 96 -35.14 6.76 16.86
N GLU A 97 -35.74 7.30 15.80
CA GLU A 97 -35.91 6.59 14.54
C GLU A 97 -34.86 7.08 13.55
N THR A 98 -34.03 6.16 13.07
CA THR A 98 -33.00 6.46 12.09
C THR A 98 -33.02 5.34 11.06
N PRO A 99 -32.44 5.58 9.87
CA PRO A 99 -32.41 4.50 8.86
C PRO A 99 -31.82 3.20 9.35
N TYR A 100 -30.76 3.26 10.15
CA TYR A 100 -30.20 2.07 10.77
C TYR A 100 -29.53 2.52 12.07
N THR A 101 -29.15 1.55 12.89
CA THR A 101 -28.58 1.84 14.20
C THR A 101 -27.15 1.36 14.27
N LEU A 102 -26.46 1.76 15.34
CA LEU A 102 -25.15 1.19 15.64
C LEU A 102 -25.23 -0.32 15.77
N SER A 103 -26.32 -0.83 16.36
CA SER A 103 -26.48 -2.28 16.48
C SER A 103 -26.50 -2.95 15.10
N ASP A 104 -27.16 -2.33 14.12
CA ASP A 104 -27.14 -2.86 12.77
C ASP A 104 -25.72 -2.89 12.22
N MET A 105 -24.95 -1.83 12.44
CA MET A 105 -23.58 -1.80 11.97
C MET A 105 -22.73 -2.87 12.64
N ALA A 106 -22.99 -3.12 13.93
CA ALA A 106 -22.31 -4.22 14.60
C ALA A 106 -22.71 -5.57 14.00
N ALA A 107 -23.99 -5.75 13.68
CA ALA A 107 -24.45 -6.99 13.07
C ALA A 107 -23.83 -7.20 11.69
N ASP A 108 -23.49 -6.11 10.99
CA ASP A 108 -22.77 -6.22 9.72
C ASP A 108 -21.44 -6.93 9.89
N GLY A 109 -20.63 -6.47 10.85
CA GLY A 109 -19.33 -7.10 11.07
C GLY A 109 -19.44 -8.55 11.53
N ILE A 110 -20.39 -8.83 12.44
CA ILE A 110 -20.64 -10.20 12.85
C ILE A 110 -21.08 -11.03 11.65
N GLY A 111 -21.93 -10.47 10.79
CA GLY A 111 -22.37 -11.18 9.61
C GLY A 111 -21.22 -11.49 8.66
N LEU A 112 -20.22 -10.61 8.60
CA LEU A 112 -19.04 -10.91 7.80
C LEU A 112 -18.26 -12.08 8.38
N MET A 113 -18.11 -12.14 9.71
CA MET A 113 -17.53 -13.32 10.34
C MET A 113 -18.29 -14.58 9.92
N ASP A 114 -19.62 -14.51 9.94
CA ASP A 114 -20.43 -15.65 9.51
C ASP A 114 -20.09 -16.02 8.07
N ALA A 115 -19.98 -15.02 7.19
CA ALA A 115 -19.70 -15.28 5.79
C ALA A 115 -18.33 -15.92 5.60
N LEU A 116 -17.40 -15.70 6.54
CA LEU A 116 -16.06 -16.27 6.46
C LEU A 116 -15.91 -17.55 7.26
N GLY A 117 -16.99 -18.02 7.89
CA GLY A 117 -16.91 -19.27 8.64
C GLY A 117 -16.20 -19.16 9.97
N ILE A 118 -16.13 -17.96 10.54
CA ILE A 118 -15.41 -17.72 11.78
C ILE A 118 -16.39 -17.77 12.94
N GLU A 119 -16.04 -18.51 13.98
CA GLU A 119 -16.93 -18.65 15.14
C GLU A 119 -16.75 -17.47 16.10
N ARG A 120 -15.55 -17.30 16.64
CA ARG A 120 -15.26 -16.16 17.49
C ARG A 120 -14.05 -15.43 16.92
N ALA A 121 -14.03 -14.12 17.11
CA ALA A 121 -12.94 -13.29 16.60
C ALA A 121 -12.59 -12.23 17.63
N HIS A 122 -11.37 -11.74 17.52
CA HIS A 122 -11.02 -10.49 18.16
C HIS A 122 -11.52 -9.37 17.28
N VAL A 123 -11.91 -8.27 17.89
CA VAL A 123 -12.33 -7.12 17.13
C VAL A 123 -11.64 -5.87 17.64
N MET A 124 -11.36 -4.96 16.72
N MET A 124 -11.42 -4.93 16.73
CA MET A 124 -10.80 -3.67 17.06
CA MET A 124 -10.75 -3.67 17.01
C MET A 124 -11.49 -2.61 16.21
C MET A 124 -11.44 -2.60 16.19
N GLY A 125 -11.79 -1.48 16.83
CA GLY A 125 -12.47 -0.41 16.13
C GLY A 125 -11.93 0.93 16.56
N ILE A 126 -11.92 1.87 15.62
CA ILE A 126 -11.38 3.19 15.85
C ILE A 126 -12.53 4.20 15.72
N SER A 127 -12.67 5.06 16.73
CA SER A 127 -13.65 6.17 16.72
C SER A 127 -15.07 5.61 16.64
N MET A 128 -15.85 5.91 15.59
CA MET A 128 -17.15 5.27 15.45
C MET A 128 -17.01 3.76 15.45
N GLY A 129 -15.92 3.25 14.86
CA GLY A 129 -15.67 1.82 14.93
C GLY A 129 -15.49 1.32 16.35
N GLY A 130 -14.95 2.17 17.23
CA GLY A 130 -14.90 1.81 18.65
C GLY A 130 -16.28 1.67 19.25
N MET A 131 -17.20 2.55 18.87
CA MET A 131 -18.59 2.41 19.33
C MET A 131 -19.23 1.15 18.77
N ILE A 132 -18.94 0.80 17.51
CA ILE A 132 -19.48 -0.41 16.92
C ILE A 132 -18.98 -1.65 17.65
N VAL A 133 -17.69 -1.71 17.96
CA VAL A 133 -17.19 -2.90 18.68
C VAL A 133 -17.72 -2.94 20.11
N GLN A 134 -17.99 -1.78 20.72
CA GLN A 134 -18.71 -1.79 21.99
C GLN A 134 -20.08 -2.43 21.82
N ALA A 135 -20.81 -2.05 20.76
CA ALA A 135 -22.11 -2.65 20.49
C ALA A 135 -22.00 -4.14 20.19
N MET A 136 -20.92 -4.55 19.51
CA MET A 136 -20.69 -5.98 19.31
C MET A 136 -20.55 -6.69 20.65
N ALA A 137 -19.81 -6.09 21.59
CA ALA A 137 -19.62 -6.71 22.90
C ALA A 137 -20.92 -6.78 23.67
N ILE A 138 -21.79 -5.79 23.50
CA ILE A 138 -23.06 -5.76 24.22
C ILE A 138 -24.05 -6.76 23.61
N ASN A 139 -24.11 -6.83 22.28
CA ASN A 139 -25.14 -7.60 21.60
C ASN A 139 -24.72 -9.00 21.19
N HIS A 140 -23.43 -9.25 20.94
CA HIS A 140 -22.95 -10.56 20.47
C HIS A 140 -21.72 -11.02 21.24
N PRO A 141 -21.75 -11.02 22.57
CA PRO A 141 -20.51 -11.36 23.30
C PRO A 141 -20.02 -12.77 23.04
N GLU A 142 -20.91 -13.71 22.74
CA GLU A 142 -20.52 -15.08 22.48
C GLU A 142 -19.74 -15.24 21.17
N ARG A 143 -19.62 -14.18 20.38
CA ARG A 143 -18.86 -14.21 19.14
C ARG A 143 -17.47 -13.60 19.29
N LEU A 144 -17.11 -13.08 20.45
CA LEU A 144 -15.92 -12.25 20.59
C LEU A 144 -14.93 -12.89 21.55
N VAL A 145 -13.65 -12.90 21.14
CA VAL A 145 -12.57 -13.28 22.07
C VAL A 145 -12.09 -12.08 22.86
N SER A 146 -11.96 -10.93 22.21
CA SER A 146 -11.51 -9.71 22.87
C SER A 146 -11.97 -8.51 22.07
N VAL A 147 -11.96 -7.35 22.71
CA VAL A 147 -12.38 -6.11 22.07
C VAL A 147 -11.34 -5.06 22.36
N THR A 148 -10.96 -4.31 21.33
CA THR A 148 -10.09 -3.13 21.48
C THR A 148 -10.84 -1.94 20.93
N SER A 149 -11.00 -0.91 21.76
CA SER A 149 -11.72 0.31 21.39
C SER A 149 -10.73 1.47 21.42
N ILE A 150 -10.50 2.08 20.26
CA ILE A 150 -9.45 3.08 20.09
C ILE A 150 -10.07 4.43 19.77
N MET A 151 -9.58 5.48 20.43
CA MET A 151 -10.01 6.87 20.23
C MET A 151 -11.53 6.98 20.11
N SER A 152 -12.19 6.35 21.07
CA SER A 152 -13.64 6.30 21.05
C SER A 152 -14.21 6.73 22.40
N THR A 153 -15.50 6.49 22.59
CA THR A 153 -16.21 7.04 23.74
C THR A 153 -17.42 6.17 24.00
N THR A 154 -18.01 6.37 25.17
CA THR A 154 -19.19 5.64 25.60
C THR A 154 -20.48 6.31 25.16
N GLY A 155 -20.43 7.54 24.66
CA GLY A 155 -21.63 8.31 24.43
C GLY A 155 -22.18 8.98 25.67
N ASN A 156 -21.48 8.87 26.80
CA ASN A 156 -21.88 9.55 28.03
C ASN A 156 -22.01 11.05 27.80
N TYR A 157 -23.13 11.60 28.27
CA TYR A 157 -23.47 13.00 28.00
C TYR A 157 -22.66 13.99 28.82
N ASP A 158 -22.11 13.58 29.96
CA ASP A 158 -21.38 14.48 30.84
C ASP A 158 -19.93 14.67 30.42
N LEU A 159 -19.48 14.01 29.35
CA LEU A 159 -18.09 14.09 28.96
C LEU A 159 -17.79 15.45 28.33
N PRO A 160 -16.57 15.95 28.46
CA PRO A 160 -16.22 17.23 27.83
C PRO A 160 -16.38 17.15 26.32
N LYS A 161 -16.90 18.23 25.75
CA LYS A 161 -17.15 18.28 24.32
C LYS A 161 -15.85 18.44 23.53
N ALA A 162 -15.89 18.02 22.28
CA ALA A 162 -14.80 18.33 21.36
C ALA A 162 -14.69 19.83 21.20
N SER A 163 -13.49 20.30 20.86
CA SER A 163 -13.34 21.71 20.54
C SER A 163 -14.19 22.05 19.33
N ASP A 164 -14.64 23.31 19.26
CA ASP A 164 -15.45 23.72 18.12
C ASP A 164 -14.69 23.59 16.81
N GLU A 165 -13.37 23.81 16.84
CA GLU A 165 -12.56 23.67 15.65
C GLU A 165 -12.55 22.23 15.17
N ALA A 166 -12.44 21.27 16.09
CA ALA A 166 -12.43 19.87 15.71
C ALA A 166 -13.80 19.42 15.22
N MET A 167 -14.88 19.83 15.89
CA MET A 167 -16.22 19.49 15.43
C MET A 167 -16.48 20.04 14.04
N ALA A 168 -15.99 21.26 13.77
CA ALA A 168 -16.17 21.85 12.45
C ALA A 168 -15.40 21.06 11.40
N ALA A 169 -14.18 20.61 11.74
CA ALA A 169 -13.43 19.77 10.83
C ALA A 169 -14.15 18.45 10.55
N LEU A 170 -14.89 17.94 11.53
CA LEU A 170 -15.58 16.67 11.33
C LEU A 170 -16.84 16.83 10.47
N GLN A 171 -17.56 17.93 10.64
CA GLN A 171 -18.90 18.04 10.06
C GLN A 171 -18.92 18.71 8.69
N GLN A 172 -18.05 19.70 8.48
CA GLN A 172 -18.16 20.54 7.29
C GLN A 172 -17.75 19.78 6.02
N GLN A 173 -18.55 19.93 5.00
CA GLN A 173 -18.31 19.33 3.70
C GLN A 173 -17.43 20.25 2.84
N PRO A 174 -16.70 19.68 1.88
CA PRO A 174 -15.92 20.51 0.96
C PRO A 174 -16.83 21.39 0.12
N ALA A 175 -16.21 22.38 -0.53
CA ALA A 175 -16.98 23.34 -1.32
C ALA A 175 -17.63 22.67 -2.54
N SER A 176 -16.96 21.69 -3.14
CA SER A 176 -17.46 21.09 -4.36
C SER A 176 -17.00 19.63 -4.41
N HIS A 177 -17.28 18.98 -5.54
CA HIS A 177 -16.91 17.59 -5.79
C HIS A 177 -15.56 17.44 -6.47
N ASP A 178 -14.86 18.55 -6.75
CA ASP A 178 -13.57 18.49 -7.42
C ASP A 178 -12.58 17.70 -6.57
N ARG A 179 -11.85 16.80 -7.22
CA ARG A 179 -10.98 15.87 -6.50
C ARG A 179 -9.96 16.60 -5.64
N GLU A 180 -9.25 17.57 -6.22
CA GLU A 180 -8.20 18.25 -5.46
C GLU A 180 -8.80 19.15 -4.39
N VAL A 181 -9.97 19.73 -4.65
CA VAL A 181 -10.68 20.47 -3.61
C VAL A 181 -11.00 19.55 -2.43
N VAL A 182 -11.55 18.36 -2.72
CA VAL A 182 -11.93 17.44 -1.66
C VAL A 182 -10.70 16.94 -0.89
N ILE A 183 -9.67 16.53 -1.62
CA ILE A 183 -8.47 15.98 -0.95
C ILE A 183 -7.81 17.03 -0.08
N ARG A 184 -7.64 18.24 -0.60
CA ARG A 184 -6.98 19.28 0.19
C ARG A 184 -7.83 19.67 1.40
N HIS A 185 -9.15 19.69 1.23
CA HIS A 185 -10.06 19.93 2.34
C HIS A 185 -9.93 18.85 3.41
N ARG A 186 -9.84 17.59 2.99
CA ARG A 186 -9.69 16.51 3.96
C ARG A 186 -8.34 16.55 4.66
N MET A 187 -7.28 16.91 3.94
CA MET A 187 -5.98 17.11 4.58
C MET A 187 -6.05 18.15 5.67
N LYS A 188 -6.69 19.29 5.36
CA LYS A 188 -6.80 20.38 6.32
C LYS A 188 -7.56 19.92 7.56
N ALA A 189 -8.63 19.15 7.36
CA ALA A 189 -9.41 18.66 8.49
C ALA A 189 -8.60 17.71 9.36
N ARG A 190 -7.83 16.82 8.74
CA ARG A 190 -7.05 15.86 9.52
C ARG A 190 -5.99 16.55 10.37
N ARG A 191 -5.41 17.65 9.87
CA ARG A 191 -4.42 18.39 10.64
C ARG A 191 -5.01 18.94 11.94
N VAL A 192 -6.30 19.26 11.94
CA VAL A 192 -6.94 19.80 13.14
C VAL A 192 -6.83 18.82 14.30
N TYR A 193 -7.07 17.53 14.04
CA TYR A 193 -7.08 16.55 15.11
C TYR A 193 -5.93 15.54 15.03
N GLN A 194 -4.85 15.90 14.36
CA GLN A 194 -3.70 15.00 14.26
C GLN A 194 -2.96 14.91 15.59
N SER A 195 -2.03 13.96 15.65
CA SER A 195 -1.12 13.82 16.79
C SER A 195 -0.09 14.95 16.76
N PRO A 196 -0.05 15.81 17.77
CA PRO A 196 0.98 16.88 17.76
C PRO A 196 2.40 16.37 17.77
N ALA A 197 2.65 15.21 18.41
CA ALA A 197 4.01 14.69 18.51
C ALA A 197 4.43 13.84 17.32
N PHE A 198 3.48 13.41 16.48
CA PHE A 198 3.77 12.51 15.36
C PHE A 198 2.99 12.93 14.12
N PRO A 199 3.20 14.16 13.62
CA PRO A 199 2.44 14.60 12.45
C PRO A 199 2.94 13.98 11.16
N ARG A 200 2.01 13.78 10.21
CA ARG A 200 2.35 13.27 8.90
C ARG A 200 2.85 14.37 7.96
N SER A 201 3.67 13.98 7.00
CA SER A 201 4.07 14.91 5.95
C SER A 201 2.90 15.19 5.01
N ASP A 202 2.99 16.31 4.29
CA ASP A 202 1.95 16.65 3.33
C ASP A 202 1.80 15.57 2.28
N GLU A 203 2.92 15.00 1.83
CA GLU A 203 2.86 13.98 0.79
C GLU A 203 2.19 12.72 1.30
N ALA A 204 2.48 12.31 2.55
CA ALA A 204 1.83 11.14 3.10
C ALA A 204 0.35 11.39 3.32
N LEU A 205 0.00 12.57 3.81
CA LEU A 205 -1.40 12.88 4.07
C LEU A 205 -2.18 12.97 2.76
N TYR A 206 -1.59 13.56 1.73
CA TYR A 206 -2.22 13.58 0.42
C TYR A 206 -2.49 12.17 -0.08
N ALA A 207 -1.47 11.31 -0.04
CA ALA A 207 -1.65 9.93 -0.52
C ALA A 207 -2.77 9.21 0.22
N LEU A 208 -2.86 9.38 1.55
CA LEU A 208 -3.92 8.73 2.30
C LEU A 208 -5.29 9.22 1.86
N CYS A 209 -5.45 10.54 1.79
CA CYS A 209 -6.75 11.12 1.43
C CYS A 209 -7.13 10.79 -0.01
N ALA A 210 -6.15 10.80 -0.93
CA ALA A 210 -6.40 10.47 -2.32
C ALA A 210 -6.83 9.02 -2.48
N THR A 211 -6.17 8.11 -1.76
CA THR A 211 -6.52 6.70 -1.86
C THR A 211 -7.96 6.46 -1.42
N GLU A 212 -8.38 7.12 -0.33
CA GLU A 212 -9.76 7.01 0.13
C GLU A 212 -10.72 7.60 -0.89
N PHE A 213 -10.43 8.81 -1.38
CA PHE A 213 -11.28 9.44 -2.37
C PHE A 213 -11.47 8.56 -3.59
N ASP A 214 -10.39 7.95 -4.07
CA ASP A 214 -10.45 7.16 -5.28
C ASP A 214 -11.10 5.80 -5.02
N HIS A 215 -11.03 5.31 -3.78
CA HIS A 215 -11.77 4.10 -3.45
C HIS A 215 -13.26 4.33 -3.62
N MET A 216 -13.80 5.38 -3.01
CA MET A 216 -15.16 5.85 -3.25
C MET A 216 -15.34 7.19 -2.55
N TYR A 217 -15.86 8.17 -3.27
CA TYR A 217 -16.28 9.43 -2.68
C TYR A 217 -17.80 9.37 -2.56
N TYR A 218 -18.31 9.33 -1.32
CA TYR A 218 -19.74 9.14 -1.09
C TYR A 218 -20.20 10.01 0.08
N PRO A 219 -20.21 11.33 -0.11
CA PRO A 219 -20.56 12.21 1.01
C PRO A 219 -22.00 12.07 1.48
N GLU A 220 -22.88 11.49 0.66
CA GLU A 220 -24.27 11.34 1.08
C GLU A 220 -24.42 10.35 2.24
N GLY A 221 -23.47 9.43 2.40
CA GLY A 221 -23.58 8.44 3.45
C GLY A 221 -23.33 8.98 4.85
N ALA A 222 -22.73 10.15 4.97
CA ALA A 222 -22.29 10.64 6.28
C ALA A 222 -23.46 10.88 7.22
N SER A 223 -24.52 11.52 6.71
CA SER A 223 -25.64 11.85 7.59
C SER A 223 -26.24 10.60 8.25
N ARG A 224 -26.26 9.47 7.54
CA ARG A 224 -26.85 8.26 8.11
C ARG A 224 -25.94 7.62 9.15
N GLN A 225 -24.63 7.63 8.92
CA GLN A 225 -23.72 7.13 9.95
C GLN A 225 -23.79 8.00 11.20
N TYR A 226 -23.85 9.32 11.01
CA TYR A 226 -23.86 10.23 12.15
C TYR A 226 -25.13 10.03 12.97
N ALA A 227 -26.26 9.79 12.31
CA ALA A 227 -27.51 9.56 13.03
C ALA A 227 -27.44 8.27 13.85
N ALA A 228 -26.77 7.24 13.32
CA ALA A 228 -26.60 6.01 14.07
C ALA A 228 -25.76 6.26 15.31
N ILE A 229 -24.70 7.07 15.17
CA ILE A 229 -23.88 7.42 16.34
C ILE A 229 -24.72 8.12 17.39
N VAL A 230 -25.35 9.24 17.01
CA VAL A 230 -26.08 10.05 17.97
C VAL A 230 -27.24 9.27 18.56
N GLY A 231 -27.96 8.52 17.72
CA GLY A 231 -29.13 7.81 18.18
C GLY A 231 -28.86 6.71 19.19
N ASP A 232 -27.62 6.25 19.32
CA ASP A 232 -27.34 5.20 20.28
C ASP A 232 -27.23 5.70 21.72
N GLY A 233 -27.11 7.01 21.93
CA GLY A 233 -27.05 7.53 23.29
C GLY A 233 -25.80 7.07 24.03
N SER A 234 -25.97 6.78 25.31
CA SER A 234 -24.87 6.35 26.17
C SER A 234 -24.88 4.84 26.35
N ARG A 235 -23.71 4.23 26.17
CA ARG A 235 -23.54 2.80 26.39
C ARG A 235 -22.99 2.46 27.77
N VAL A 236 -22.89 3.44 28.68
CA VAL A 236 -22.23 3.20 29.97
C VAL A 236 -22.89 2.04 30.73
N GLU A 237 -24.22 2.04 30.79
CA GLU A 237 -24.94 1.04 31.56
C GLU A 237 -24.81 -0.33 30.92
N ARG A 238 -24.98 -0.40 29.60
CA ARG A 238 -24.80 -1.66 28.88
C ARG A 238 -23.37 -2.18 29.02
N LEU A 239 -22.38 -1.30 28.94
CA LEU A 239 -20.99 -1.72 29.02
C LEU A 239 -20.63 -2.31 30.39
N LYS A 240 -21.36 -1.93 31.44
CA LYS A 240 -21.06 -2.50 32.75
C LYS A 240 -21.39 -3.98 32.82
N LYS A 241 -22.17 -4.51 31.88
CA LYS A 241 -22.50 -5.93 31.85
C LYS A 241 -21.56 -6.74 30.96
N VAL A 242 -20.63 -6.07 30.27
CA VAL A 242 -19.75 -6.77 29.32
C VAL A 242 -18.72 -7.59 30.08
N ARG A 243 -18.57 -8.86 29.69
CA ARG A 243 -17.57 -9.73 30.29
C ARG A 243 -16.46 -10.14 29.34
N VAL A 244 -16.47 -9.69 28.08
CA VAL A 244 -15.38 -10.04 27.18
C VAL A 244 -14.17 -9.16 27.44
N PRO A 245 -12.95 -9.70 27.38
CA PRO A 245 -11.76 -8.91 27.67
C PRO A 245 -11.67 -7.69 26.77
N PHE A 246 -11.36 -6.55 27.38
CA PHE A 246 -11.50 -5.25 26.74
C PHE A 246 -10.20 -4.48 26.90
N LEU A 247 -9.75 -3.85 25.82
CA LEU A 247 -8.61 -2.95 25.83
C LEU A 247 -9.03 -1.60 25.26
N VAL A 248 -8.69 -0.53 25.96
CA VAL A 248 -9.00 0.83 25.51
C VAL A 248 -7.68 1.56 25.25
N ILE A 249 -7.55 2.13 24.06
CA ILE A 249 -6.40 2.94 23.66
C ILE A 249 -6.90 4.32 23.32
N HIS A 250 -6.21 5.34 23.83
CA HIS A 250 -6.64 6.71 23.54
C HIS A 250 -5.44 7.65 23.57
N GLY A 251 -5.45 8.64 22.68
CA GLY A 251 -4.42 9.65 22.67
C GLY A 251 -4.77 10.76 23.66
N LYS A 252 -3.77 11.18 24.43
CA LYS A 252 -4.02 12.23 25.42
C LYS A 252 -4.32 13.57 24.78
N ALA A 253 -3.85 13.79 23.56
CA ALA A 253 -3.97 15.07 22.88
C ALA A 253 -5.10 15.09 21.86
N ASP A 254 -6.00 14.12 21.90
CA ASP A 254 -7.09 14.04 20.95
C ASP A 254 -8.07 15.19 21.16
N PRO A 255 -8.20 16.13 20.22
CA PRO A 255 -9.17 17.22 20.38
C PRO A 255 -10.56 16.91 19.84
N LEU A 256 -10.73 15.82 19.11
CA LEU A 256 -12.01 15.45 18.50
C LEU A 256 -12.82 14.55 19.41
N VAL A 257 -12.20 13.50 19.93
CA VAL A 257 -12.79 12.67 20.98
C VAL A 257 -11.89 12.84 22.21
N PRO A 258 -12.25 13.74 23.12
CA PRO A 258 -11.38 13.98 24.29
C PRO A 258 -11.08 12.70 25.04
N VAL A 259 -9.88 12.66 25.64
CA VAL A 259 -9.38 11.45 26.26
C VAL A 259 -10.32 10.93 27.34
N GLU A 260 -11.13 11.81 27.93
CA GLU A 260 -12.06 11.38 28.97
C GLU A 260 -13.04 10.34 28.44
N GLY A 261 -13.31 10.33 27.14
CA GLY A 261 -14.19 9.33 26.57
C GLY A 261 -13.58 7.95 26.56
N GLY A 262 -12.26 7.86 26.35
CA GLY A 262 -11.60 6.57 26.47
C GLY A 262 -11.49 6.12 27.91
N ILE A 263 -11.17 7.06 28.81
CA ILE A 263 -11.13 6.75 30.23
C ILE A 263 -12.49 6.24 30.70
N ASP A 264 -13.57 6.88 30.23
CA ASP A 264 -14.90 6.46 30.61
C ASP A 264 -15.21 5.06 30.11
N THR A 265 -14.72 4.72 28.91
CA THR A 265 -14.93 3.37 28.41
C THR A 265 -14.28 2.34 29.31
N ALA A 266 -13.03 2.61 29.73
CA ALA A 266 -12.33 1.69 30.60
C ALA A 266 -12.97 1.60 31.98
N LYS A 267 -13.51 2.71 32.48
CA LYS A 267 -14.18 2.71 33.78
C LYS A 267 -15.44 1.83 33.75
N CYS A 268 -16.13 1.77 32.61
CA CYS A 268 -17.42 1.09 32.56
C CYS A 268 -17.25 -0.43 32.49
N VAL A 269 -16.50 -0.91 31.50
CA VAL A 269 -16.29 -2.34 31.34
C VAL A 269 -15.43 -2.84 32.49
N PRO A 270 -15.95 -3.74 33.33
CA PRO A 270 -15.16 -4.21 34.48
C PRO A 270 -13.96 -5.02 34.01
N GLY A 271 -12.78 -4.66 34.51
CA GLY A 271 -11.55 -5.33 34.14
C GLY A 271 -10.89 -4.82 32.88
N ALA A 272 -11.36 -3.71 32.31
CA ALA A 272 -10.78 -3.20 31.08
C ALA A 272 -9.35 -2.74 31.31
N LYS A 273 -8.52 -2.90 30.30
CA LYS A 273 -7.16 -2.37 30.28
C LYS A 273 -7.19 -1.03 29.57
N LEU A 274 -6.45 -0.06 30.10
CA LEU A 274 -6.46 1.29 29.54
C LEU A 274 -5.03 1.73 29.25
N GLU A 275 -4.80 2.22 28.04
CA GLU A 275 -3.50 2.74 27.61
C GLU A 275 -3.73 4.12 27.00
N LEU A 276 -3.19 5.14 27.66
CA LEU A 276 -3.26 6.52 27.18
C LEU A 276 -1.89 6.91 26.67
N ILE A 277 -1.85 7.38 25.43
CA ILE A 277 -0.61 7.58 24.69
C ILE A 277 -0.30 9.07 24.63
N GLU A 278 0.83 9.46 25.23
CA GLU A 278 1.25 10.84 25.23
C GLU A 278 1.55 11.30 23.81
N GLY A 279 1.16 12.53 23.50
CA GLY A 279 1.43 13.14 22.22
C GLY A 279 0.57 12.64 21.08
N MET A 280 -0.36 11.73 21.33
CA MET A 280 -1.16 11.13 20.28
C MET A 280 -2.50 11.86 20.20
N GLY A 281 -2.89 12.21 18.98
CA GLY A 281 -4.18 12.82 18.70
C GLY A 281 -5.17 11.81 18.17
N HIS A 282 -6.00 12.25 17.23
CA HIS A 282 -7.05 11.40 16.66
C HIS A 282 -6.59 10.80 15.33
N ASP A 283 -5.56 9.96 15.41
CA ASP A 283 -5.00 9.30 14.23
C ASP A 283 -4.11 8.15 14.70
N LEU A 284 -3.55 7.42 13.73
CA LEU A 284 -2.68 6.27 13.99
C LEU A 284 -1.34 6.54 13.33
N PRO A 285 -0.45 7.28 13.99
CA PRO A 285 0.86 7.58 13.41
C PRO A 285 1.67 6.30 13.22
N VAL A 286 2.41 6.25 12.10
CA VAL A 286 3.25 5.08 11.83
C VAL A 286 4.24 4.86 12.95
N GLU A 287 4.69 5.93 13.60
CA GLU A 287 5.67 5.81 14.69
C GLU A 287 5.10 5.06 15.88
N LEU A 288 3.79 5.10 16.07
CA LEU A 288 3.16 4.43 17.20
C LEU A 288 2.59 3.06 16.84
N CYS A 289 2.61 2.68 15.57
CA CYS A 289 2.07 1.38 15.19
C CYS A 289 2.74 0.20 15.87
N PRO A 290 4.07 0.15 16.06
CA PRO A 290 4.63 -0.95 16.85
C PRO A 290 4.04 -1.04 18.25
N ARG A 291 3.77 0.09 18.90
CA ARG A 291 3.17 0.03 20.22
C ARG A 291 1.72 -0.46 20.16
N TYR A 292 0.93 0.03 19.19
CA TYR A 292 -0.42 -0.48 19.02
C TYR A 292 -0.41 -1.99 18.81
N VAL A 293 0.47 -2.47 17.94
CA VAL A 293 0.55 -3.90 17.63
C VAL A 293 0.88 -4.71 18.88
N ASP A 294 1.90 -4.26 19.62
CA ASP A 294 2.28 -4.94 20.85
C ASP A 294 1.13 -4.97 21.86
N LEU A 295 0.43 -3.84 22.01
CA LEU A 295 -0.67 -3.78 22.97
C LEU A 295 -1.79 -4.73 22.56
N ILE A 296 -2.20 -4.67 21.29
CA ILE A 296 -3.28 -5.50 20.78
C ILE A 296 -2.90 -6.97 20.82
N ALA A 297 -1.68 -7.31 20.40
CA ALA A 297 -1.28 -8.72 20.34
C ALA A 297 -1.25 -9.35 21.71
N GLU A 298 -0.67 -8.67 22.70
CA GLU A 298 -0.61 -9.26 24.03
C GLU A 298 -1.99 -9.35 24.65
N HIS A 299 -2.83 -8.35 24.44
CA HIS A 299 -4.21 -8.38 24.92
C HIS A 299 -4.96 -9.55 24.28
N ALA A 300 -4.87 -9.68 22.96
CA ALA A 300 -5.58 -10.76 22.27
C ALA A 300 -5.07 -12.13 22.70
N LEU A 301 -3.75 -12.29 22.79
CA LEU A 301 -3.19 -13.59 23.20
C LEU A 301 -3.64 -13.99 24.60
N ALA A 302 -3.62 -13.05 25.55
CA ALA A 302 -4.06 -13.35 26.91
C ALA A 302 -5.55 -13.67 26.95
N ALA A 303 -6.36 -12.93 26.18
CA ALA A 303 -7.79 -13.19 26.14
C ALA A 303 -8.09 -14.55 25.57
N GLY A 304 -7.34 -14.98 24.56
CA GLY A 304 -7.56 -16.27 23.94
C GLY A 304 -7.29 -17.45 24.85
N ARG A 305 -6.58 -17.21 25.96
CA ARG A 305 -6.32 -18.23 26.96
C ARG A 305 -7.41 -18.31 28.04
N LYS A 306 -8.34 -17.37 28.06
CA LYS A 306 -9.34 -17.27 29.12
C LYS A 306 -10.63 -17.98 28.71
N ALA A 307 -11.43 -18.33 29.73
CA ALA A 307 -12.76 -18.86 29.49
C ALA A 307 -13.59 -17.89 28.68
N ALA A 308 -14.33 -18.42 27.70
CA ALA A 308 -15.21 -17.59 26.90
C ALA A 308 -16.39 -17.09 27.74
N THR B 11 4.02 -21.10 -7.57
CA THR B 11 3.54 -20.51 -8.81
C THR B 11 4.68 -20.13 -9.76
N GLN B 12 5.92 -20.37 -9.36
CA GLN B 12 7.07 -20.06 -10.19
C GLN B 12 7.35 -21.20 -11.16
N GLN B 13 7.72 -20.84 -12.37
CA GLN B 13 8.01 -21.79 -13.44
C GLN B 13 9.31 -21.40 -14.13
N GLN B 14 9.86 -22.34 -14.88
CA GLN B 14 11.02 -22.06 -15.70
C GLN B 14 10.67 -22.29 -17.15
N ALA B 15 11.11 -21.39 -18.01
CA ALA B 15 10.94 -21.52 -19.44
C ALA B 15 12.27 -21.29 -20.12
N LYS B 16 12.51 -22.03 -21.19
CA LYS B 16 13.63 -21.73 -22.09
C LYS B 16 13.20 -20.58 -22.98
N ALA B 17 13.96 -19.50 -22.96
CA ALA B 17 13.60 -18.30 -23.71
C ALA B 17 14.87 -17.60 -24.11
N ASN B 18 14.97 -17.20 -25.39
CA ASN B 18 16.17 -16.58 -25.92
C ASN B 18 17.42 -17.42 -25.62
N GLY B 19 17.25 -18.75 -25.66
CA GLY B 19 18.36 -19.65 -25.43
C GLY B 19 18.79 -19.83 -23.99
N ILE B 20 18.08 -19.24 -23.03
CA ILE B 20 18.46 -19.36 -21.63
C ILE B 20 17.26 -19.83 -20.81
N SER B 21 17.54 -20.25 -19.57
CA SER B 21 16.48 -20.72 -18.68
C SER B 21 16.05 -19.55 -17.80
N ILE B 22 14.79 -19.16 -17.93
CA ILE B 22 14.23 -18.00 -17.23
C ILE B 22 13.23 -18.48 -16.19
N ASN B 23 13.39 -18.03 -14.96
CA ASN B 23 12.41 -18.27 -13.91
C ASN B 23 11.40 -17.12 -13.95
N TYR B 24 10.11 -17.46 -13.93
CA TYR B 24 9.08 -16.44 -14.10
C TYR B 24 7.85 -16.83 -13.30
N GLU B 25 6.93 -15.89 -13.17
CA GLU B 25 5.60 -16.18 -12.66
C GLU B 25 4.58 -15.48 -13.54
N ASP B 26 3.65 -16.25 -14.09
CA ASP B 26 2.48 -15.75 -14.79
C ASP B 26 1.36 -15.69 -13.76
N ARG B 27 0.97 -14.48 -13.37
CA ARG B 27 -0.02 -14.32 -12.32
C ARG B 27 -1.46 -14.46 -12.79
N GLY B 28 -1.67 -14.63 -14.10
CA GLY B 28 -2.99 -14.80 -14.63
C GLY B 28 -3.80 -13.53 -14.58
N PRO B 29 -5.08 -13.61 -14.96
CA PRO B 29 -5.76 -14.78 -15.53
C PRO B 29 -5.36 -14.95 -16.99
N ALA B 30 -5.71 -16.09 -17.61
CA ALA B 30 -5.28 -16.32 -18.97
C ALA B 30 -5.84 -15.27 -19.92
N ASP B 31 -6.99 -14.70 -19.60
CA ASP B 31 -7.64 -13.74 -20.48
C ASP B 31 -7.34 -12.29 -20.11
N GLY B 32 -6.39 -12.04 -19.19
CA GLY B 32 -6.04 -10.69 -18.85
C GLY B 32 -5.14 -10.02 -19.87
N ILE B 33 -4.99 -8.70 -19.72
CA ILE B 33 -4.14 -7.90 -20.59
C ILE B 33 -2.70 -8.12 -20.18
N PRO B 34 -1.84 -8.66 -21.05
CA PRO B 34 -0.48 -9.04 -20.61
C PRO B 34 0.40 -7.81 -20.37
N ILE B 35 1.07 -7.82 -19.22
CA ILE B 35 2.06 -6.79 -18.93
C ILE B 35 3.28 -7.46 -18.33
N LEU B 36 4.45 -7.21 -18.90
CA LEU B 36 5.69 -7.79 -18.45
C LEU B 36 6.40 -6.79 -17.55
N LEU B 37 6.85 -7.24 -16.38
CA LEU B 37 7.55 -6.38 -15.42
C LEU B 37 9.04 -6.73 -15.44
N VAL B 38 9.89 -5.72 -15.57
CA VAL B 38 11.33 -5.90 -15.69
C VAL B 38 12.03 -5.26 -14.50
N ASN B 39 12.83 -6.05 -13.78
CA ASN B 39 13.49 -5.59 -12.55
C ASN B 39 14.76 -4.78 -12.82
N GLY B 40 15.16 -4.04 -11.79
CA GLY B 40 16.39 -3.26 -11.80
C GLY B 40 17.62 -4.09 -11.47
N TYR B 41 18.74 -3.38 -11.34
CA TYR B 41 20.06 -3.97 -11.19
C TYR B 41 20.13 -4.80 -9.91
N THR B 42 20.50 -6.08 -10.07
CA THR B 42 20.64 -7.09 -9.02
C THR B 42 19.32 -7.51 -8.38
N SER B 43 18.18 -6.93 -8.78
CA SER B 43 16.91 -7.21 -8.13
C SER B 43 16.24 -8.43 -8.73
N THR B 44 15.63 -9.27 -7.88
CA THR B 44 14.87 -10.41 -8.34
C THR B 44 13.41 -10.04 -8.56
N MET B 45 12.67 -10.97 -9.17
CA MET B 45 11.25 -10.73 -9.40
C MET B 45 10.46 -10.66 -8.11
N MET B 46 11.03 -11.11 -7.00
CA MET B 46 10.33 -11.09 -5.72
C MET B 46 10.26 -9.68 -5.12
N SER B 47 10.90 -8.70 -5.75
CA SER B 47 10.96 -7.35 -5.21
C SER B 47 9.73 -6.51 -5.51
N TRP B 48 8.86 -6.91 -6.43
CA TRP B 48 7.68 -6.11 -6.75
C TRP B 48 6.70 -6.10 -5.57
N PRO B 49 6.14 -4.95 -5.21
CA PRO B 49 5.15 -4.93 -4.13
C PRO B 49 3.88 -5.65 -4.54
N LEU B 50 3.35 -6.45 -3.62
CA LEU B 50 2.10 -7.15 -3.89
C LEU B 50 0.99 -6.18 -4.25
N GLU B 51 0.95 -5.00 -3.61
CA GLU B 51 -0.12 -4.04 -3.90
C GLU B 51 -0.06 -3.53 -5.33
N LEU B 52 1.13 -3.45 -5.92
CA LEU B 52 1.25 -3.06 -7.32
C LEU B 52 0.74 -4.17 -8.23
N MET B 53 1.17 -5.41 -7.98
CA MET B 53 0.77 -6.52 -8.84
C MET B 53 -0.73 -6.80 -8.73
N ASP B 54 -1.26 -6.76 -7.51
CA ASP B 54 -2.68 -7.01 -7.33
C ASP B 54 -3.52 -5.85 -7.80
N GLY B 55 -3.01 -4.62 -7.67
CA GLY B 55 -3.71 -3.49 -8.21
C GLY B 55 -3.85 -3.58 -9.72
N LEU B 56 -2.77 -3.96 -10.40
CA LEU B 56 -2.85 -4.16 -11.85
C LEU B 56 -3.83 -5.28 -12.20
N LYS B 57 -3.80 -6.38 -11.44
CA LYS B 57 -4.73 -7.48 -11.69
C LYS B 57 -6.18 -6.99 -11.58
N ALA B 58 -6.46 -6.17 -10.57
CA ALA B 58 -7.82 -5.66 -10.38
C ALA B 58 -8.25 -4.71 -11.50
N ARG B 59 -7.31 -4.23 -12.31
CA ARG B 59 -7.65 -3.43 -13.48
C ARG B 59 -7.65 -4.26 -14.75
N GLY B 60 -7.51 -5.58 -14.64
CA GLY B 60 -7.66 -6.48 -15.76
C GLY B 60 -6.36 -6.96 -16.36
N PHE B 61 -5.22 -6.67 -15.73
CA PHE B 61 -3.93 -7.02 -16.30
C PHE B 61 -3.49 -8.40 -15.86
N ARG B 62 -2.88 -9.12 -16.80
CA ARG B 62 -2.18 -10.38 -16.56
C ARG B 62 -0.70 -10.05 -16.36
N VAL B 63 -0.27 -10.05 -15.12
CA VAL B 63 1.09 -9.64 -14.78
C VAL B 63 2.04 -10.81 -14.93
N ILE B 64 3.10 -10.62 -15.71
CA ILE B 64 4.18 -11.60 -15.85
CA ILE B 64 4.17 -11.59 -15.82
C ILE B 64 5.42 -10.96 -15.25
N ARG B 65 5.98 -11.57 -14.22
CA ARG B 65 7.25 -11.13 -13.67
C ARG B 65 8.28 -12.24 -13.88
N TYR B 66 9.55 -11.86 -13.89
CA TYR B 66 10.59 -12.85 -14.12
C TYR B 66 11.92 -12.35 -13.58
N ASP B 67 12.80 -13.31 -13.28
CA ASP B 67 14.17 -13.00 -12.89
C ASP B 67 15.00 -12.71 -14.14
N ASN B 68 15.62 -11.52 -14.18
CA ASN B 68 16.59 -11.23 -15.23
C ASN B 68 17.74 -12.24 -15.20
N ARG B 69 18.48 -12.28 -16.30
CA ARG B 69 19.76 -13.00 -16.34
CA ARG B 69 19.68 -13.11 -16.26
C ARG B 69 20.60 -12.66 -15.12
N ASP B 70 21.28 -13.65 -14.54
CA ASP B 70 22.26 -13.40 -13.49
C ASP B 70 21.64 -12.98 -12.15
N VAL B 71 20.33 -13.17 -11.98
CA VAL B 71 19.69 -12.97 -10.68
C VAL B 71 18.67 -14.07 -10.43
N GLY B 72 18.28 -14.19 -9.17
CA GLY B 72 17.19 -15.08 -8.82
C GLY B 72 17.47 -16.49 -9.27
N ARG B 73 16.45 -17.10 -9.88
CA ARG B 73 16.53 -18.49 -10.31
C ARG B 73 16.66 -18.63 -11.81
N THR B 74 16.97 -17.54 -12.50
CA THR B 74 17.29 -17.57 -13.91
C THR B 74 18.75 -17.95 -14.10
N GLU B 75 19.04 -18.49 -15.28
CA GLU B 75 20.40 -18.88 -15.66
C GLU B 75 21.42 -17.80 -15.32
N LYS B 76 22.58 -18.27 -14.83
CA LYS B 76 23.71 -17.44 -14.48
C LYS B 76 24.79 -17.58 -15.56
N PHE B 77 25.51 -16.50 -15.79
CA PHE B 77 26.51 -16.47 -16.84
C PHE B 77 27.91 -16.59 -16.25
N LYS B 78 28.91 -16.38 -17.09
CA LYS B 78 30.29 -16.68 -16.70
C LYS B 78 31.20 -15.53 -17.12
N GLY B 79 32.28 -15.37 -16.37
CA GLY B 79 33.20 -14.28 -16.61
C GLY B 79 32.92 -13.10 -15.70
N VAL B 80 33.97 -12.52 -15.14
CA VAL B 80 33.80 -11.32 -14.31
C VAL B 80 34.44 -10.15 -15.03
N PRO B 81 33.67 -9.31 -15.70
CA PRO B 81 34.26 -8.20 -16.44
C PRO B 81 34.83 -7.16 -15.49
N ASP B 82 36.00 -6.63 -15.85
CA ASP B 82 36.58 -5.51 -15.12
C ASP B 82 35.94 -4.24 -15.65
N ILE B 83 35.23 -3.51 -14.78
CA ILE B 83 34.49 -2.33 -15.24
C ILE B 83 35.44 -1.27 -15.78
N GLY B 84 36.65 -1.20 -15.24
CA GLY B 84 37.64 -0.26 -15.77
C GLY B 84 37.98 -0.54 -17.21
N GLU B 85 38.11 -1.83 -17.58
CA GLU B 85 38.39 -2.18 -18.96
C GLU B 85 37.20 -1.91 -19.88
N VAL B 86 35.98 -2.10 -19.36
CA VAL B 86 34.80 -1.77 -20.16
C VAL B 86 34.76 -0.29 -20.47
N VAL B 87 34.95 0.54 -19.43
CA VAL B 87 34.95 1.99 -19.60
C VAL B 87 36.09 2.42 -20.52
N LYS B 88 37.24 1.77 -20.41
CA LYS B 88 38.39 2.13 -21.25
C LYS B 88 38.11 1.79 -22.71
N ALA B 89 37.54 0.62 -22.97
CA ALA B 89 37.21 0.26 -24.34
C ALA B 89 36.23 1.26 -24.95
N LEU B 90 35.17 1.59 -24.21
CA LEU B 90 34.16 2.51 -24.72
C LEU B 90 34.77 3.86 -25.09
N ARG B 91 35.55 4.45 -24.19
CA ARG B 91 36.10 5.77 -24.45
C ARG B 91 37.17 5.75 -25.53
N GLU B 92 37.69 4.58 -25.86
CA GLU B 92 38.66 4.44 -26.96
C GLU B 92 38.00 3.99 -28.26
N GLY B 93 36.67 3.88 -28.27
CA GLY B 93 35.96 3.55 -29.49
C GLY B 93 35.92 2.09 -29.85
N LYS B 94 36.17 1.21 -28.89
CA LYS B 94 36.18 -0.23 -29.12
C LYS B 94 34.97 -0.87 -28.45
N THR B 95 34.54 -2.00 -29.00
CA THR B 95 33.42 -2.72 -28.41
C THR B 95 33.89 -3.40 -27.12
N PRO B 96 33.21 -3.17 -26.00
CA PRO B 96 33.64 -3.80 -24.74
C PRO B 96 33.51 -5.31 -24.81
N GLU B 97 34.37 -5.99 -24.05
CA GLU B 97 34.30 -7.44 -23.91
C GLU B 97 33.41 -7.75 -22.71
N THR B 98 32.14 -8.02 -22.98
CA THR B 98 31.22 -8.38 -21.91
C THR B 98 30.50 -9.66 -22.31
N PRO B 99 30.15 -10.51 -21.34
CA PRO B 99 29.47 -11.76 -21.69
C PRO B 99 28.13 -11.57 -22.37
N TYR B 100 27.44 -10.48 -22.10
CA TYR B 100 26.18 -10.17 -22.78
C TYR B 100 25.96 -8.67 -22.73
N THR B 101 25.01 -8.22 -23.54
CA THR B 101 24.68 -6.80 -23.65
C THR B 101 23.31 -6.54 -23.06
N LEU B 102 22.98 -5.24 -23.00
CA LEU B 102 21.65 -4.82 -22.59
C LEU B 102 20.60 -5.27 -23.60
N SER B 103 20.95 -5.25 -24.89
CA SER B 103 20.04 -5.78 -25.91
C SER B 103 19.73 -7.26 -25.67
N ASP B 104 20.74 -8.04 -25.25
CA ASP B 104 20.48 -9.43 -24.89
C ASP B 104 19.45 -9.54 -23.78
N MET B 105 19.53 -8.68 -22.77
CA MET B 105 18.57 -8.71 -21.68
C MET B 105 17.17 -8.34 -22.16
N ALA B 106 17.08 -7.40 -23.10
CA ALA B 106 15.79 -7.08 -23.70
C ALA B 106 15.25 -8.25 -24.51
N ALA B 107 16.13 -8.94 -25.23
CA ALA B 107 15.70 -10.10 -26.00
C ALA B 107 15.22 -11.24 -25.09
N ASP B 108 15.69 -11.29 -23.85
CA ASP B 108 15.18 -12.29 -22.91
C ASP B 108 13.68 -12.10 -22.65
N GLY B 109 13.27 -10.86 -22.41
CA GLY B 109 11.86 -10.60 -22.16
C GLY B 109 10.98 -10.92 -23.36
N ILE B 110 11.43 -10.53 -24.56
CA ILE B 110 10.70 -10.88 -25.78
C ILE B 110 10.65 -12.40 -25.94
N GLY B 111 11.77 -13.07 -25.66
CA GLY B 111 11.79 -14.52 -25.74
C GLY B 111 10.81 -15.16 -24.77
N LEU B 112 10.65 -14.56 -23.59
CA LEU B 112 9.67 -15.08 -22.64
C LEU B 112 8.25 -14.93 -23.21
N MET B 113 7.97 -13.81 -23.88
CA MET B 113 6.67 -13.65 -24.53
C MET B 113 6.42 -14.77 -25.53
N ASP B 114 7.41 -15.06 -26.37
CA ASP B 114 7.31 -16.18 -27.30
C ASP B 114 7.02 -17.47 -26.55
N ALA B 115 7.79 -17.74 -25.49
CA ALA B 115 7.64 -19.00 -24.77
C ALA B 115 6.27 -19.14 -24.13
N LEU B 116 5.63 -18.03 -23.80
CA LEU B 116 4.29 -18.02 -23.20
C LEU B 116 3.18 -17.84 -24.23
N GLY B 117 3.52 -17.77 -25.50
CA GLY B 117 2.51 -17.59 -26.52
C GLY B 117 1.85 -16.23 -26.50
N ILE B 118 2.60 -15.19 -26.18
CA ILE B 118 2.08 -13.83 -26.07
C ILE B 118 2.50 -13.05 -27.31
N GLU B 119 1.52 -12.55 -28.06
CA GLU B 119 1.80 -11.84 -29.30
C GLU B 119 2.42 -10.47 -29.03
N ARG B 120 1.73 -9.65 -28.24
CA ARG B 120 2.18 -8.31 -27.89
C ARG B 120 1.84 -8.09 -26.44
N ALA B 121 2.63 -7.24 -25.78
CA ALA B 121 2.43 -6.99 -24.36
C ALA B 121 2.75 -5.55 -24.03
N HIS B 122 2.18 -5.09 -22.92
CA HIS B 122 2.69 -3.89 -22.28
C HIS B 122 3.93 -4.29 -21.48
N VAL B 123 4.87 -3.36 -21.35
CA VAL B 123 6.04 -3.62 -20.53
C VAL B 123 6.26 -2.45 -19.60
N MET B 124 6.77 -2.75 -18.41
N MET B 124 6.79 -2.74 -18.41
CA MET B 124 7.18 -1.74 -17.45
CA MET B 124 7.19 -1.68 -17.49
C MET B 124 8.50 -2.19 -16.86
C MET B 124 8.42 -2.12 -16.72
N GLY B 125 9.42 -1.25 -16.66
CA GLY B 125 10.69 -1.59 -16.04
C GLY B 125 11.12 -0.50 -15.09
N ILE B 126 11.84 -0.90 -14.04
CA ILE B 126 12.32 0.02 -13.03
C ILE B 126 13.85 0.08 -13.08
N SER B 127 14.41 1.29 -13.09
CA SER B 127 15.86 1.51 -13.02
C SER B 127 16.55 0.81 -14.19
N MET B 128 17.46 -0.15 -13.95
CA MET B 128 18.03 -0.92 -15.07
C MET B 128 16.94 -1.54 -15.93
N GLY B 129 15.85 -1.97 -15.30
CA GLY B 129 14.71 -2.47 -16.07
C GLY B 129 14.07 -1.41 -16.94
N GLY B 130 14.15 -0.14 -16.53
CA GLY B 130 13.75 0.95 -17.42
C GLY B 130 14.62 1.03 -18.66
N MET B 131 15.93 0.82 -18.48
CA MET B 131 16.84 0.78 -19.63
C MET B 131 16.51 -0.42 -20.52
N ILE B 132 16.15 -1.54 -19.91
CA ILE B 132 15.84 -2.73 -20.68
C ILE B 132 14.57 -2.53 -21.51
N VAL B 133 13.54 -1.90 -20.93
CA VAL B 133 12.33 -1.68 -21.72
C VAL B 133 12.56 -0.62 -22.78
N GLN B 134 13.46 0.35 -22.54
CA GLN B 134 13.88 1.25 -23.62
C GLN B 134 14.49 0.46 -24.77
N ALA B 135 15.39 -0.47 -24.45
CA ALA B 135 15.99 -1.31 -25.49
C ALA B 135 14.94 -2.17 -26.18
N MET B 136 13.94 -2.64 -25.44
CA MET B 136 12.83 -3.35 -26.07
C MET B 136 12.11 -2.47 -27.07
N ALA B 137 11.84 -1.20 -26.69
CA ALA B 137 11.16 -0.29 -27.59
C ALA B 137 12.00 0.06 -28.81
N ILE B 138 13.33 0.12 -28.63
CA ILE B 138 14.23 0.40 -29.74
C ILE B 138 14.32 -0.81 -30.68
N ASN B 139 14.48 -2.00 -30.11
CA ASN B 139 14.83 -3.19 -30.88
C ASN B 139 13.63 -4.02 -31.29
N HIS B 140 12.54 -4.01 -30.50
CA HIS B 140 11.39 -4.86 -30.77
C HIS B 140 10.08 -4.11 -30.61
N PRO B 141 9.94 -2.92 -31.21
CA PRO B 141 8.74 -2.12 -30.95
C PRO B 141 7.46 -2.81 -31.39
N GLU B 142 7.54 -3.70 -32.38
CA GLU B 142 6.37 -4.41 -32.89
C GLU B 142 5.78 -5.37 -31.86
N ARG B 143 6.52 -5.71 -30.80
CA ARG B 143 6.03 -6.59 -29.75
C ARG B 143 5.38 -5.86 -28.59
N LEU B 144 5.37 -4.53 -28.60
CA LEU B 144 4.98 -3.74 -27.45
C LEU B 144 3.68 -2.98 -27.72
N VAL B 145 2.80 -2.95 -26.72
CA VAL B 145 1.62 -2.10 -26.80
C VAL B 145 1.88 -0.74 -26.15
N SER B 146 2.60 -0.75 -25.03
CA SER B 146 3.01 0.48 -24.37
C SER B 146 4.24 0.16 -23.53
N VAL B 147 4.98 1.20 -23.17
CA VAL B 147 6.18 1.09 -22.36
C VAL B 147 6.04 2.04 -21.19
N THR B 148 6.41 1.58 -20.00
CA THR B 148 6.55 2.45 -18.83
C THR B 148 7.96 2.28 -18.29
N SER B 149 8.67 3.40 -18.14
CA SER B 149 10.04 3.41 -17.68
C SER B 149 10.07 4.20 -16.37
N ILE B 150 10.46 3.54 -15.28
CA ILE B 150 10.36 4.12 -13.95
C ILE B 150 11.76 4.28 -13.37
N MET B 151 12.02 5.44 -12.75
CA MET B 151 13.29 5.76 -12.08
C MET B 151 14.50 5.32 -12.89
N SER B 152 14.50 5.72 -14.16
CA SER B 152 15.55 5.28 -15.09
C SER B 152 16.12 6.47 -15.83
N THR B 153 16.93 6.19 -16.86
CA THR B 153 17.67 7.24 -17.55
C THR B 153 17.94 6.82 -18.98
N THR B 154 18.33 7.79 -19.79
CA THR B 154 18.71 7.54 -21.18
C THR B 154 20.17 7.15 -21.32
N GLY B 155 20.98 7.32 -20.28
CA GLY B 155 22.40 7.13 -20.41
C GLY B 155 23.14 8.31 -20.99
N ASN B 156 22.43 9.43 -21.20
CA ASN B 156 23.02 10.67 -21.66
C ASN B 156 24.18 11.08 -20.76
N TYR B 157 25.37 11.24 -21.35
CA TYR B 157 26.56 11.52 -20.56
C TYR B 157 26.52 12.90 -19.90
N ASP B 158 25.65 13.79 -20.35
CA ASP B 158 25.63 15.18 -19.87
C ASP B 158 24.70 15.39 -18.68
N LEU B 159 24.09 14.34 -18.15
CA LEU B 159 23.13 14.51 -17.07
C LEU B 159 23.83 14.66 -15.74
N PRO B 160 23.18 15.29 -14.76
CA PRO B 160 23.75 15.33 -13.40
C PRO B 160 23.99 13.94 -12.86
N LYS B 161 24.98 13.83 -11.98
CA LYS B 161 25.37 12.56 -11.39
C LYS B 161 24.62 12.32 -10.08
N ALA B 162 24.58 11.05 -9.68
CA ALA B 162 24.10 10.70 -8.35
C ALA B 162 25.00 11.31 -7.28
N SER B 163 24.44 11.46 -6.08
CA SER B 163 25.25 11.92 -4.97
C SER B 163 26.34 10.91 -4.65
N ASP B 164 27.39 11.37 -3.97
CA ASP B 164 28.46 10.47 -3.56
C ASP B 164 27.92 9.37 -2.65
N GLU B 165 27.02 9.72 -1.74
CA GLU B 165 26.47 8.74 -0.80
C GLU B 165 25.64 7.69 -1.52
N ALA B 166 24.79 8.10 -2.47
CA ALA B 166 23.98 7.12 -3.19
C ALA B 166 24.85 6.15 -3.98
N MET B 167 25.88 6.67 -4.65
CA MET B 167 26.75 5.82 -5.45
C MET B 167 27.46 4.80 -4.57
N ALA B 168 27.95 5.22 -3.40
CA ALA B 168 28.57 4.27 -2.48
C ALA B 168 27.55 3.24 -1.98
N ALA B 169 26.33 3.68 -1.68
CA ALA B 169 25.29 2.75 -1.24
C ALA B 169 25.05 1.67 -2.28
N LEU B 170 25.11 2.04 -3.57
CA LEU B 170 24.84 1.08 -4.63
C LEU B 170 26.03 0.16 -4.89
N GLN B 171 27.25 0.69 -4.80
CA GLN B 171 28.43 -0.05 -5.22
C GLN B 171 29.06 -0.87 -4.09
N GLN B 172 29.06 -0.34 -2.87
CA GLN B 172 29.74 -0.99 -1.77
C GLN B 172 29.12 -2.36 -1.47
N GLN B 173 29.98 -3.37 -1.25
CA GLN B 173 29.57 -4.73 -1.01
C GLN B 173 29.48 -5.00 0.49
N PRO B 174 28.63 -5.94 0.89
CA PRO B 174 28.58 -6.33 2.30
C PRO B 174 29.93 -6.89 2.74
N ALA B 175 30.17 -6.80 4.05
CA ALA B 175 31.48 -7.22 4.58
C ALA B 175 31.72 -8.71 4.36
N SER B 176 30.67 -9.51 4.38
CA SER B 176 30.77 -10.94 4.11
C SER B 176 29.47 -11.38 3.47
N HIS B 177 29.44 -12.64 3.02
CA HIS B 177 28.27 -13.17 2.34
C HIS B 177 27.27 -13.80 3.28
N ASP B 178 27.48 -13.72 4.59
CA ASP B 178 26.55 -14.29 5.54
C ASP B 178 25.19 -13.60 5.47
N ARG B 179 24.13 -14.40 5.61
CA ARG B 179 22.77 -13.92 5.40
C ARG B 179 22.46 -12.68 6.21
N GLU B 180 22.68 -12.73 7.53
CA GLU B 180 22.32 -11.59 8.37
C GLU B 180 23.15 -10.35 8.05
N VAL B 181 24.43 -10.54 7.73
CA VAL B 181 25.27 -9.41 7.34
C VAL B 181 24.77 -8.77 6.06
N VAL B 182 24.44 -9.60 5.07
CA VAL B 182 23.96 -9.10 3.79
C VAL B 182 22.64 -8.36 3.97
N ILE B 183 21.70 -8.93 4.73
CA ILE B 183 20.40 -8.29 4.90
C ILE B 183 20.56 -6.92 5.55
N ARG B 184 21.36 -6.83 6.63
CA ARG B 184 21.52 -5.57 7.32
C ARG B 184 22.21 -4.55 6.43
N HIS B 185 23.16 -5.01 5.63
CA HIS B 185 23.87 -4.10 4.73
C HIS B 185 22.92 -3.57 3.65
N ARG B 186 22.05 -4.44 3.13
CA ARG B 186 21.08 -4.00 2.13
C ARG B 186 20.08 -3.02 2.72
N MET B 187 19.71 -3.21 3.99
CA MET B 187 18.82 -2.25 4.64
C MET B 187 19.48 -0.87 4.72
N LYS B 188 20.73 -0.83 5.18
CA LYS B 188 21.46 0.44 5.26
C LYS B 188 21.56 1.11 3.90
N ALA B 189 21.85 0.34 2.85
CA ALA B 189 21.94 0.91 1.51
C ALA B 189 20.60 1.49 1.09
N ARG B 190 19.51 0.77 1.34
CA ARG B 190 18.20 1.21 0.89
C ARG B 190 17.76 2.48 1.59
N ARG B 191 18.18 2.66 2.85
CA ARG B 191 17.86 3.90 3.55
C ARG B 191 18.42 5.12 2.83
N VAL B 192 19.58 4.97 2.18
CA VAL B 192 20.20 6.12 1.51
C VAL B 192 19.30 6.64 0.40
N TYR B 193 18.74 5.75 -0.42
CA TYR B 193 18.01 6.21 -1.59
C TYR B 193 16.51 5.97 -1.48
N GLN B 194 15.99 5.78 -0.27
CA GLN B 194 14.57 5.55 -0.07
C GLN B 194 13.76 6.83 -0.33
N SER B 195 12.46 6.65 -0.46
CA SER B 195 11.54 7.78 -0.53
C SER B 195 11.50 8.49 0.81
N PRO B 196 11.89 9.77 0.89
CA PRO B 196 11.89 10.44 2.19
C PRO B 196 10.51 10.54 2.82
N ALA B 197 9.45 10.66 2.01
CA ALA B 197 8.13 10.79 2.59
C ALA B 197 7.51 9.45 2.96
N PHE B 198 8.05 8.33 2.48
CA PHE B 198 7.44 7.02 2.68
C PHE B 198 8.47 5.97 3.04
N PRO B 199 9.22 6.17 4.13
CA PRO B 199 10.18 5.13 4.54
C PRO B 199 9.47 3.91 5.10
N ARG B 200 10.05 2.74 4.83
CA ARG B 200 9.52 1.52 5.40
C ARG B 200 10.04 1.33 6.82
N SER B 201 9.25 0.65 7.64
CA SER B 201 9.72 0.31 8.98
C SER B 201 10.93 -0.61 8.86
N ASP B 202 11.72 -0.67 9.95
CA ASP B 202 12.86 -1.60 10.00
C ASP B 202 12.39 -3.03 9.76
N GLU B 203 11.30 -3.45 10.40
CA GLU B 203 10.80 -4.80 10.19
C GLU B 203 10.40 -5.03 8.74
N ALA B 204 9.73 -4.05 8.13
CA ALA B 204 9.32 -4.20 6.74
C ALA B 204 10.53 -4.23 5.81
N LEU B 205 11.54 -3.38 6.07
CA LEU B 205 12.69 -3.33 5.19
C LEU B 205 13.52 -4.61 5.30
N TYR B 206 13.66 -5.14 6.53
CA TYR B 206 14.33 -6.42 6.72
C TYR B 206 13.66 -7.50 5.89
N ALA B 207 12.33 -7.57 5.97
CA ALA B 207 11.60 -8.65 5.30
C ALA B 207 11.80 -8.56 3.80
N LEU B 208 11.82 -7.33 3.26
CA LEU B 208 12.05 -7.17 1.82
C LEU B 208 13.42 -7.66 1.43
N CYS B 209 14.45 -7.28 2.18
CA CYS B 209 15.81 -7.70 1.88
C CYS B 209 15.98 -9.20 2.07
N ALA B 210 15.36 -9.75 3.12
CA ALA B 210 15.43 -11.18 3.39
C ALA B 210 14.75 -11.99 2.29
N THR B 211 13.59 -11.52 1.81
CA THR B 211 12.92 -12.21 0.72
C THR B 211 13.81 -12.32 -0.50
N GLU B 212 14.51 -11.24 -0.85
CA GLU B 212 15.43 -11.26 -1.97
C GLU B 212 16.55 -12.27 -1.74
N PHE B 213 17.23 -12.16 -0.60
CA PHE B 213 18.33 -13.06 -0.28
C PHE B 213 17.89 -14.51 -0.37
N ASP B 214 16.74 -14.82 0.24
CA ASP B 214 16.28 -16.20 0.31
C ASP B 214 15.81 -16.73 -1.04
N HIS B 215 15.39 -15.84 -1.93
CA HIS B 215 15.09 -16.28 -3.30
C HIS B 215 16.36 -16.73 -3.99
N MET B 216 17.38 -15.87 -3.99
CA MET B 216 18.72 -16.24 -4.44
C MET B 216 19.72 -15.16 -4.06
N TYR B 217 20.83 -15.55 -3.44
CA TYR B 217 21.95 -14.65 -3.21
C TYR B 217 23.03 -14.98 -4.23
N TYR B 218 23.29 -14.05 -5.15
CA TYR B 218 24.23 -14.28 -6.24
C TYR B 218 24.94 -12.97 -6.55
N PRO B 219 25.89 -12.58 -5.70
CA PRO B 219 26.56 -11.28 -5.90
C PRO B 219 27.40 -11.22 -7.16
N GLU B 220 27.87 -12.36 -7.67
CA GLU B 220 28.72 -12.35 -8.86
C GLU B 220 27.96 -11.78 -10.07
N GLY B 221 26.65 -11.95 -10.12
CA GLY B 221 25.89 -11.50 -11.28
C GLY B 221 25.96 -10.00 -11.50
N ALA B 222 26.22 -9.25 -10.43
CA ALA B 222 26.22 -7.79 -10.52
C ALA B 222 27.26 -7.30 -11.51
N SER B 223 28.44 -7.93 -11.52
CA SER B 223 29.50 -7.46 -12.41
C SER B 223 29.06 -7.53 -13.86
N ARG B 224 28.35 -8.59 -14.24
CA ARG B 224 27.93 -8.75 -15.62
C ARG B 224 26.76 -7.84 -15.96
N GLN B 225 25.81 -7.65 -15.04
CA GLN B 225 24.72 -6.72 -15.32
C GLN B 225 25.24 -5.30 -15.45
N TYR B 226 26.17 -4.91 -14.57
CA TYR B 226 26.69 -3.56 -14.61
C TYR B 226 27.48 -3.32 -15.89
N ALA B 227 28.27 -4.32 -16.32
CA ALA B 227 28.98 -4.19 -17.58
C ALA B 227 28.03 -4.01 -18.75
N ALA B 228 26.88 -4.72 -18.71
CA ALA B 228 25.89 -4.56 -19.77
C ALA B 228 25.30 -3.14 -19.78
N ILE B 229 25.04 -2.58 -18.60
CA ILE B 229 24.53 -1.21 -18.50
C ILE B 229 25.54 -0.24 -19.10
N VAL B 230 26.77 -0.30 -18.63
CA VAL B 230 27.81 0.62 -19.11
C VAL B 230 28.06 0.42 -20.59
N GLY B 231 28.10 -0.83 -21.05
CA GLY B 231 28.36 -1.09 -22.45
C GLY B 231 27.33 -0.53 -23.40
N ASP B 232 26.10 -0.31 -22.94
CA ASP B 232 25.08 0.22 -23.83
C ASP B 232 25.25 1.71 -24.12
N GLY B 233 25.99 2.44 -23.30
CA GLY B 233 26.22 3.84 -23.60
C GLY B 233 24.93 4.66 -23.50
N SER B 234 24.84 5.68 -24.35
CA SER B 234 23.68 6.58 -24.37
C SER B 234 22.65 6.09 -25.39
N ARG B 235 21.38 6.09 -24.97
CA ARG B 235 20.27 5.70 -25.83
C ARG B 235 19.56 6.90 -26.45
N VAL B 236 20.13 8.10 -26.31
CA VAL B 236 19.43 9.32 -26.70
C VAL B 236 19.01 9.29 -28.17
N GLU B 237 19.97 9.03 -29.06
CA GLU B 237 19.65 9.05 -30.48
C GLU B 237 18.67 7.94 -30.85
N ARG B 238 18.84 6.76 -30.25
CA ARG B 238 17.94 5.64 -30.53
C ARG B 238 16.52 5.95 -30.05
N LEU B 239 16.41 6.60 -28.89
CA LEU B 239 15.08 6.87 -28.33
C LEU B 239 14.29 7.85 -29.18
N LYS B 240 14.99 8.74 -29.90
CA LYS B 240 14.29 9.70 -30.75
C LYS B 240 13.52 9.03 -31.88
N LYS B 241 13.88 7.80 -32.26
CA LYS B 241 13.18 7.09 -33.33
C LYS B 241 12.08 6.17 -32.81
N VAL B 242 11.89 6.09 -31.49
CA VAL B 242 10.85 5.23 -30.94
C VAL B 242 9.48 5.83 -31.23
N ARG B 243 8.54 4.99 -31.66
CA ARG B 243 7.16 5.39 -31.92
C ARG B 243 6.19 4.50 -31.16
N VAL B 244 6.42 4.33 -29.86
CA VAL B 244 5.61 3.47 -29.00
C VAL B 244 5.01 4.34 -27.90
N PRO B 245 3.75 4.16 -27.51
CA PRO B 245 3.22 4.90 -26.35
C PRO B 245 4.08 4.68 -25.12
N PHE B 246 4.47 5.78 -24.49
CA PHE B 246 5.57 5.77 -23.53
C PHE B 246 5.18 6.61 -22.33
N LEU B 247 5.36 6.05 -21.14
CA LEU B 247 5.13 6.74 -19.87
C LEU B 247 6.41 6.67 -19.06
N VAL B 248 6.84 7.81 -18.55
CA VAL B 248 8.01 7.91 -17.67
C VAL B 248 7.52 8.36 -16.30
N ILE B 249 7.89 7.61 -15.27
CA ILE B 249 7.60 7.95 -13.88
C ILE B 249 8.94 8.11 -13.18
N HIS B 250 9.04 9.15 -12.35
CA HIS B 250 10.30 9.38 -11.64
C HIS B 250 10.00 10.12 -10.35
N GLY B 251 10.71 9.75 -9.29
CA GLY B 251 10.59 10.46 -8.03
C GLY B 251 11.48 11.69 -8.01
N LYS B 252 10.92 12.79 -7.52
CA LYS B 252 11.65 14.05 -7.50
C LYS B 252 12.82 14.01 -6.54
N ALA B 253 12.79 13.11 -5.55
CA ALA B 253 13.81 13.08 -4.52
C ALA B 253 14.80 11.93 -4.72
N ASP B 254 14.85 11.33 -5.89
CA ASP B 254 15.72 10.19 -6.17
C ASP B 254 17.17 10.63 -6.19
N PRO B 255 18.01 10.17 -5.26
CA PRO B 255 19.42 10.57 -5.27
C PRO B 255 20.33 9.61 -6.02
N LEU B 256 19.82 8.45 -6.44
CA LEU B 256 20.64 7.47 -7.12
C LEU B 256 20.55 7.62 -8.63
N VAL B 257 19.34 7.79 -9.15
CA VAL B 257 19.11 8.17 -10.53
C VAL B 257 18.39 9.51 -10.49
N PRO B 258 19.11 10.61 -10.66
CA PRO B 258 18.48 11.94 -10.55
C PRO B 258 17.32 12.08 -11.54
N VAL B 259 16.35 12.91 -11.13
CA VAL B 259 15.11 13.08 -11.89
C VAL B 259 15.36 13.57 -13.31
N GLU B 260 16.49 14.25 -13.54
CA GLU B 260 16.83 14.68 -14.89
C GLU B 260 16.91 13.50 -15.87
N GLY B 261 17.22 12.30 -15.37
CA GLY B 261 17.25 11.14 -16.26
C GLY B 261 15.88 10.76 -16.77
N GLY B 262 14.85 10.90 -15.93
CA GLY B 262 13.49 10.67 -16.39
C GLY B 262 12.99 11.76 -17.32
N ILE B 263 13.27 13.02 -16.96
CA ILE B 263 12.96 14.14 -17.84
C ILE B 263 13.57 13.92 -19.22
N ASP B 264 14.83 13.48 -19.27
CA ASP B 264 15.49 13.25 -20.54
C ASP B 264 14.86 12.09 -21.31
N THR B 265 14.41 11.03 -20.62
CA THR B 265 13.74 9.94 -21.31
C THR B 265 12.49 10.45 -22.01
N ALA B 266 11.66 11.22 -21.30
CA ALA B 266 10.44 11.75 -21.89
C ALA B 266 10.73 12.78 -22.98
N LYS B 267 11.87 13.47 -22.89
CA LYS B 267 12.19 14.45 -23.91
C LYS B 267 12.59 13.76 -25.22
N CYS B 268 13.28 12.62 -25.12
CA CYS B 268 13.77 11.94 -26.31
C CYS B 268 12.64 11.22 -27.05
N VAL B 269 11.76 10.54 -26.33
CA VAL B 269 10.73 9.75 -26.99
C VAL B 269 9.57 10.68 -27.35
N PRO B 270 9.23 10.82 -28.63
CA PRO B 270 8.10 11.67 -29.00
C PRO B 270 6.80 11.12 -28.42
N GLY B 271 5.94 12.05 -27.98
CA GLY B 271 4.65 11.70 -27.40
C GLY B 271 4.70 11.13 -26.00
N ALA B 272 5.87 11.09 -25.37
CA ALA B 272 5.97 10.46 -24.07
C ALA B 272 5.26 11.29 -23.01
N LYS B 273 4.67 10.60 -22.05
CA LYS B 273 4.06 11.21 -20.88
CA LYS B 273 4.07 11.24 -20.89
C LYS B 273 5.05 11.14 -19.73
N LEU B 274 5.04 12.17 -18.89
CA LEU B 274 6.00 12.27 -17.80
C LEU B 274 5.25 12.57 -16.51
N GLU B 275 5.50 11.75 -15.49
CA GLU B 275 4.89 11.92 -14.18
C GLU B 275 6.01 11.99 -13.15
N LEU B 276 6.18 13.14 -12.53
CA LEU B 276 7.16 13.36 -11.48
C LEU B 276 6.44 13.33 -10.13
N ILE B 277 6.99 12.57 -9.18
CA ILE B 277 6.29 12.30 -7.92
C ILE B 277 7.05 12.93 -6.75
N GLU B 278 6.40 13.86 -6.06
CA GLU B 278 6.97 14.50 -4.88
C GLU B 278 7.13 13.51 -3.73
N GLY B 279 8.25 13.62 -3.02
CA GLY B 279 8.54 12.77 -1.88
C GLY B 279 9.01 11.38 -2.19
N MET B 280 9.11 11.03 -3.48
CA MET B 280 9.48 9.67 -3.88
C MET B 280 10.96 9.62 -4.22
N GLY B 281 11.62 8.57 -3.74
CA GLY B 281 13.01 8.35 -4.03
C GLY B 281 13.17 7.21 -4.99
N HIS B 282 14.20 6.39 -4.77
CA HIS B 282 14.50 5.26 -5.64
C HIS B 282 13.92 3.99 -5.05
N ASP B 283 12.57 3.94 -5.00
CA ASP B 283 11.86 2.81 -4.44
C ASP B 283 10.39 2.94 -4.83
N LEU B 284 9.61 1.91 -4.48
CA LEU B 284 8.18 1.85 -4.79
C LEU B 284 7.39 1.70 -3.49
N PRO B 285 7.12 2.80 -2.80
CA PRO B 285 6.44 2.69 -1.50
C PRO B 285 5.03 2.14 -1.68
N VAL B 286 4.61 1.32 -0.72
CA VAL B 286 3.26 0.76 -0.78
C VAL B 286 2.22 1.87 -0.82
N GLU B 287 2.49 2.98 -0.13
CA GLU B 287 1.53 4.09 -0.08
C GLU B 287 1.31 4.71 -1.45
N LEU B 288 2.28 4.59 -2.35
CA LEU B 288 2.17 5.14 -3.70
C LEU B 288 1.71 4.10 -4.72
N CYS B 289 1.56 2.84 -4.31
CA CYS B 289 1.12 1.83 -5.27
C CYS B 289 -0.23 2.13 -5.91
N PRO B 290 -1.25 2.63 -5.20
CA PRO B 290 -2.49 2.98 -5.92
C PRO B 290 -2.26 4.01 -7.00
N ARG B 291 -1.34 4.94 -6.77
CA ARG B 291 -1.04 5.96 -7.77
C ARG B 291 -0.30 5.36 -8.95
N TYR B 292 0.70 4.50 -8.69
CA TYR B 292 1.40 3.84 -9.78
C TYR B 292 0.42 3.02 -10.62
N VAL B 293 -0.45 2.26 -9.96
CA VAL B 293 -1.43 1.45 -10.66
C VAL B 293 -2.31 2.33 -11.55
N ASP B 294 -2.82 3.44 -11.00
CA ASP B 294 -3.65 4.33 -11.80
C ASP B 294 -2.89 4.89 -13.00
N LEU B 295 -1.63 5.30 -12.80
CA LEU B 295 -0.87 5.88 -13.90
C LEU B 295 -0.64 4.85 -14.99
N ILE B 296 -0.18 3.66 -14.61
CA ILE B 296 0.15 2.62 -15.58
C ILE B 296 -1.11 2.10 -16.26
N ALA B 297 -2.16 1.83 -15.48
CA ALA B 297 -3.39 1.32 -16.06
C ALA B 297 -3.99 2.32 -17.04
N GLU B 298 -4.11 3.59 -16.63
CA GLU B 298 -4.65 4.62 -17.51
C GLU B 298 -3.89 4.62 -18.83
N HIS B 299 -2.56 4.60 -18.76
CA HIS B 299 -1.71 4.68 -19.94
C HIS B 299 -1.82 3.43 -20.78
N ALA B 300 -1.71 2.27 -20.14
CA ALA B 300 -1.74 1.00 -20.86
C ALA B 300 -3.12 0.74 -21.45
N LEU B 301 -4.18 0.94 -20.66
CA LEU B 301 -5.53 0.71 -21.16
C LEU B 301 -5.85 1.59 -22.35
N ALA B 302 -5.40 2.85 -22.31
CA ALA B 302 -5.68 3.75 -23.43
C ALA B 302 -4.94 3.33 -24.68
N ALA B 303 -3.68 2.89 -24.54
CA ALA B 303 -2.93 2.41 -25.69
C ALA B 303 -3.60 1.19 -26.29
N GLY B 304 -4.11 0.29 -25.43
CA GLY B 304 -4.79 -0.89 -25.93
C GLY B 304 -6.12 -0.58 -26.60
N ARG B 305 -6.87 0.39 -26.05
CA ARG B 305 -8.13 0.78 -26.68
C ARG B 305 -7.91 1.52 -27.99
N LYS B 306 -6.85 2.31 -28.08
CA LYS B 306 -6.52 3.00 -29.33
C LYS B 306 -5.92 2.06 -30.36
N ALA B 307 -5.79 0.77 -30.04
CA ALA B 307 -5.26 -0.24 -30.95
C ALA B 307 -6.20 -1.41 -31.17
N ALA B 308 -7.32 -1.49 -30.43
CA ALA B 308 -8.26 -2.58 -30.59
C ALA B 308 -9.06 -2.42 -31.87
#